data_9B0B
#
_entry.id   9B0B
#
_cell.length_a   49.755
_cell.length_b   92.684
_cell.length_c   149.840
_cell.angle_alpha   90.00
_cell.angle_beta   90.00
_cell.angle_gamma   90.00
#
_symmetry.space_group_name_H-M   'P 21 21 21'
#
loop_
_entity.id
_entity.type
_entity.pdbx_description
1 polymer Optineurin
2 polymer 'E3 ubiquitin-protein ligase RNF31'
3 non-polymer 'TRIETHYLENE GLYCOL'
4 non-polymer 'TETRAETHYLENE GLYCOL'
5 non-polymer 'ZINC ION'
6 water water
#
loop_
_entity_poly.entity_id
_entity_poly.type
_entity_poly.pdbx_seq_one_letter_code
_entity_poly.pdbx_strand_id
1 'polypeptide(L)'
;GPDRAVLKELSEKLELAEKALASKQLQMDEMKQTIAKQEEDLETMTILRAQMEVYSEDFHAERAAREKIHEEKEQLALQL
AVLLKENDAFEDGGRQ
;
A,B,C,D
2 'polypeptide(L)' ARGRWACQSCTFENEAAAVLCSICERPRLA G,E
#
loop_
_chem_comp.id
_chem_comp.type
_chem_comp.name
_chem_comp.formula
PG4 non-polymer 'TETRAETHYLENE GLYCOL' 'C8 H18 O5'
PGE non-polymer 'TRIETHYLENE GLYCOL' 'C6 H14 O4'
ZN non-polymer 'ZINC ION' 'Zn 2'
#
# COMPACT_ATOMS: atom_id res chain seq x y z
N ARG A 4 -53.96 2.05 22.77
CA ARG A 4 -53.33 1.20 21.77
C ARG A 4 -52.62 2.00 20.66
N ALA A 5 -53.12 3.20 20.30
CA ALA A 5 -52.43 3.98 19.28
C ALA A 5 -51.07 4.47 19.75
N VAL A 6 -50.92 4.74 21.05
CA VAL A 6 -49.60 5.10 21.58
C VAL A 6 -48.70 3.88 21.54
N LEU A 7 -49.30 2.72 21.75
CA LEU A 7 -48.56 1.46 21.72
C LEU A 7 -48.10 1.11 20.31
N LYS A 8 -49.00 1.25 19.34
CA LYS A 8 -48.60 1.03 17.95
C LYS A 8 -47.48 1.98 17.56
N GLU A 9 -47.59 3.25 17.97
CA GLU A 9 -46.57 4.25 17.64
C GLU A 9 -45.24 3.90 18.27
N LEU A 10 -45.24 3.49 19.54
CA LEU A 10 -44.00 3.10 20.19
C LEU A 10 -43.37 1.89 19.52
N SER A 11 -44.19 0.87 19.19
CA SER A 11 -43.66 -0.32 18.57
C SER A 11 -43.03 -0.02 17.21
N GLU A 12 -43.69 0.81 16.41
CA GLU A 12 -43.14 1.15 15.12
C GLU A 12 -41.82 1.90 15.26
N LYS A 13 -41.74 2.81 16.23
CA LYS A 13 -40.53 3.60 16.40
C LYS A 13 -39.40 2.73 16.91
N LEU A 14 -39.71 1.78 17.79
CA LEU A 14 -38.66 0.88 18.26
C LEU A 14 -38.12 0.04 17.10
N GLU A 15 -39.00 -0.40 16.19
CA GLU A 15 -38.48 -1.17 15.05
CA GLU A 15 -38.55 -1.15 15.01
C GLU A 15 -37.66 -0.28 14.13
N LEU A 16 -38.03 0.98 13.97
CA LEU A 16 -37.22 1.91 13.21
C LEU A 16 -35.86 2.12 13.88
N ALA A 17 -35.84 2.21 15.21
CA ALA A 17 -34.55 2.33 15.92
C ALA A 17 -33.67 1.08 15.74
N GLU A 18 -34.28 -0.12 15.74
CA GLU A 18 -33.52 -1.36 15.58
C GLU A 18 -32.91 -1.43 14.18
N LYS A 19 -33.66 -0.95 13.18
CA LYS A 19 -33.08 -0.95 11.84
C LYS A 19 -31.96 0.08 11.75
N ALA A 20 -32.12 1.24 12.41
CA ALA A 20 -31.06 2.24 12.39
C ALA A 20 -29.82 1.75 13.13
N LEU A 21 -30.00 0.99 14.22
CA LEU A 21 -28.85 0.44 14.91
C LEU A 21 -28.04 -0.46 13.97
N ALA A 22 -28.72 -1.30 13.19
CA ALA A 22 -28.04 -2.19 12.24
C ALA A 22 -27.36 -1.39 11.13
N SER A 23 -28.06 -0.38 10.61
CA SER A 23 -27.51 0.41 9.50
CA SER A 23 -27.49 0.37 9.49
C SER A 23 -26.27 1.15 9.94
N LYS A 24 -26.33 1.79 11.12
CA LYS A 24 -25.14 2.49 11.60
C LYS A 24 -24.02 1.49 11.81
N GLN A 25 -24.34 0.30 12.32
CA GLN A 25 -23.28 -0.69 12.55
C GLN A 25 -22.58 -1.08 11.25
N LEU A 26 -23.33 -1.27 10.18
CA LEU A 26 -22.69 -1.61 8.89
C LEU A 26 -21.77 -0.50 8.43
N GLN A 27 -22.19 0.74 8.62
CA GLN A 27 -21.32 1.87 8.25
C GLN A 27 -20.08 1.90 9.11
N MET A 28 -20.23 1.60 10.41
CA MET A 28 -19.06 1.55 11.30
C MET A 28 -18.12 0.45 10.91
N ASP A 29 -18.65 -0.69 10.47
CA ASP A 29 -17.81 -1.82 10.03
C ASP A 29 -16.91 -1.40 8.88
N GLU A 30 -17.46 -0.64 7.93
CA GLU A 30 -16.63 -0.16 6.82
CA GLU A 30 -16.64 -0.15 6.81
C GLU A 30 -15.56 0.80 7.30
N MET A 31 -15.89 1.73 8.21
CA MET A 31 -14.91 2.69 8.67
C MET A 31 -13.77 2.00 9.40
N LYS A 32 -14.09 0.91 10.12
CA LYS A 32 -13.05 0.15 10.83
C LYS A 32 -12.05 -0.45 9.86
N GLN A 33 -12.53 -0.97 8.73
CA GLN A 33 -11.66 -1.55 7.72
C GLN A 33 -10.77 -0.47 7.09
N THR A 34 -11.33 0.72 6.84
CA THR A 34 -10.53 1.84 6.36
C THR A 34 -9.42 2.20 7.34
N ILE A 35 -9.77 2.33 8.62
CA ILE A 35 -8.81 2.72 9.64
C ILE A 35 -7.68 1.69 9.75
N ALA A 36 -8.04 0.39 9.71
CA ALA A 36 -7.00 -0.65 9.84
C ALA A 36 -6.06 -0.62 8.64
N LYS A 37 -6.61 -0.41 7.43
CA LYS A 37 -5.77 -0.37 6.25
C LYS A 37 -4.85 0.86 6.27
N GLN A 38 -5.40 2.03 6.61
CA GLN A 38 -4.56 3.24 6.73
C GLN A 38 -3.47 3.08 7.79
N GLU A 39 -3.80 2.45 8.91
CA GLU A 39 -2.80 2.24 9.95
C GLU A 39 -1.66 1.36 9.44
N GLU A 40 -1.97 0.31 8.69
CA GLU A 40 -0.93 -0.56 8.13
C GLU A 40 -0.05 0.21 7.16
N ASP A 41 -0.70 0.94 6.24
CA ASP A 41 0.04 1.73 5.25
C ASP A 41 0.89 2.81 5.91
N LEU A 42 0.39 3.43 6.96
CA LEU A 42 1.17 4.49 7.60
C LEU A 42 2.38 3.91 8.32
N GLU A 43 2.21 2.76 8.99
CA GLU A 43 3.35 2.16 9.65
C GLU A 43 4.43 1.79 8.63
N THR A 44 4.03 1.19 7.50
CA THR A 44 4.97 0.88 6.44
C THR A 44 5.73 2.13 5.96
N MET A 45 5.00 3.16 5.56
CA MET A 45 5.62 4.37 5.05
CA MET A 45 5.65 4.36 5.04
C MET A 45 6.54 5.01 6.10
N THR A 46 6.16 4.90 7.37
CA THR A 46 6.96 5.50 8.45
C THR A 46 8.31 4.80 8.56
N ILE A 47 8.30 3.47 8.52
CA ILE A 47 9.53 2.69 8.55
C ILE A 47 10.39 3.02 7.33
N LEU A 48 9.76 3.07 6.16
CA LEU A 48 10.52 3.29 4.94
C LEU A 48 11.22 4.64 4.97
N ARG A 49 10.50 5.68 5.41
CA ARG A 49 11.11 7.01 5.52
C ARG A 49 12.28 7.00 6.50
N ALA A 50 12.10 6.36 7.66
CA ALA A 50 13.15 6.34 8.66
C ALA A 50 14.41 5.65 8.14
N GLN A 51 14.24 4.52 7.44
CA GLN A 51 15.44 3.82 6.97
C GLN A 51 16.19 4.62 5.92
N MET A 52 15.52 5.53 5.25
CA MET A 52 16.11 6.33 4.18
CA MET A 52 16.15 6.32 4.18
C MET A 52 16.62 7.69 4.64
N GLU A 53 16.34 8.07 5.88
CA GLU A 53 16.66 9.40 6.39
C GLU A 53 18.14 9.74 6.27
N VAL A 54 19.02 8.74 6.41
CA VAL A 54 20.48 8.93 6.29
C VAL A 54 20.85 9.65 5.00
N TYR A 55 20.08 9.40 3.93
CA TYR A 55 20.50 9.95 2.63
C TYR A 55 20.46 11.47 2.60
N SER A 56 19.63 12.12 3.43
CA SER A 56 19.70 13.59 3.47
CA SER A 56 19.71 13.58 3.46
C SER A 56 21.09 14.02 3.94
N GLU A 57 21.56 13.40 5.02
CA GLU A 57 22.89 13.76 5.51
C GLU A 57 23.96 13.41 4.49
N ASP A 58 23.90 12.20 3.91
CA ASP A 58 24.96 11.82 2.97
C ASP A 58 24.93 12.67 1.71
N PHE A 59 23.73 13.02 1.22
CA PHE A 59 23.68 13.93 0.06
C PHE A 59 24.40 15.26 0.36
N HIS A 60 24.09 15.89 1.47
CA HIS A 60 24.71 17.18 1.73
C HIS A 60 26.23 17.06 1.89
N ALA A 61 26.68 15.99 2.54
CA ALA A 61 28.13 15.81 2.70
C ALA A 61 28.79 15.52 1.36
N GLU A 62 28.12 14.72 0.54
CA GLU A 62 28.71 14.37 -0.75
C GLU A 62 28.78 15.60 -1.65
N ARG A 63 27.71 16.41 -1.63
CA ARG A 63 27.70 17.60 -2.47
C ARG A 63 28.84 18.52 -2.07
N ALA A 64 29.02 18.73 -0.77
CA ALA A 64 30.13 19.59 -0.34
C ALA A 64 31.48 19.04 -0.81
N ALA A 65 31.67 17.71 -0.70
CA ALA A 65 32.92 17.10 -1.17
C ALA A 65 33.08 17.28 -2.67
N ARG A 66 31.98 17.13 -3.42
CA ARG A 66 32.02 17.33 -4.87
C ARG A 66 32.38 18.77 -5.20
N GLU A 67 31.78 19.73 -4.48
CA GLU A 67 32.10 21.13 -4.77
C GLU A 67 33.56 21.40 -4.46
N LYS A 68 34.08 20.79 -3.40
CA LYS A 68 35.46 21.06 -3.05
C LYS A 68 36.43 20.51 -4.10
N ILE A 69 36.22 19.27 -4.53
CA ILE A 69 37.15 18.72 -5.51
C ILE A 69 36.97 19.44 -6.85
N HIS A 70 35.76 19.91 -7.16
CA HIS A 70 35.58 20.69 -8.38
C HIS A 70 36.42 21.95 -8.33
N GLU A 71 36.43 22.61 -7.18
CA GLU A 71 37.24 23.82 -7.02
C GLU A 71 38.72 23.51 -7.18
N GLU A 72 39.17 22.39 -6.60
CA GLU A 72 40.58 22.02 -6.74
C GLU A 72 40.91 21.74 -8.20
N LYS A 73 40.02 21.06 -8.91
CA LYS A 73 40.23 20.76 -10.32
C LYS A 73 40.30 22.05 -11.15
N GLU A 74 39.40 22.99 -10.89
CA GLU A 74 39.40 24.24 -11.66
C GLU A 74 40.68 25.03 -11.44
N GLN A 75 41.24 24.95 -10.24
CA GLN A 75 42.52 25.60 -9.93
C GLN A 75 43.65 25.00 -10.74
N LEU A 76 43.69 23.66 -10.83
CA LEU A 76 44.68 23.04 -11.69
C LEU A 76 44.47 23.44 -13.14
N ALA A 77 43.21 23.45 -13.60
CA ALA A 77 43.00 23.82 -14.99
C ALA A 77 43.50 25.22 -15.26
N LEU A 78 43.27 26.15 -14.32
CA LEU A 78 43.76 27.53 -14.49
C LEU A 78 45.29 27.55 -14.49
N GLN A 79 45.93 26.81 -13.58
CA GLN A 79 47.39 26.78 -13.60
C GLN A 79 47.91 26.31 -14.94
N LEU A 80 47.31 25.25 -15.47
CA LEU A 80 47.74 24.70 -16.75
C LEU A 80 47.52 25.70 -17.89
N ALA A 81 46.35 26.36 -17.92
CA ALA A 81 46.07 27.31 -18.99
C ALA A 81 47.07 28.47 -18.95
N VAL A 82 47.40 28.94 -17.75
CA VAL A 82 48.36 30.03 -17.58
C VAL A 82 49.75 29.59 -18.07
N LEU A 83 50.13 28.37 -17.71
CA LEU A 83 51.47 27.88 -18.09
C LEU A 83 51.58 27.73 -19.61
N LEU A 84 50.50 27.32 -20.25
CA LEU A 84 50.49 27.20 -21.70
C LEU A 84 50.51 28.56 -22.36
N LYS A 85 49.77 29.52 -21.78
CA LYS A 85 49.70 30.84 -22.39
C LYS A 85 51.00 31.60 -22.16
N GLU A 86 51.58 31.46 -20.97
CA GLU A 86 52.94 31.94 -20.74
C GLU A 86 53.94 31.42 -21.78
N ASN A 87 53.72 30.21 -22.29
CA ASN A 87 54.60 29.62 -23.30
C ASN A 87 54.07 29.81 -24.73
N ASP A 88 53.13 30.73 -24.94
CA ASP A 88 52.55 30.94 -26.26
C ASP A 88 53.30 32.05 -27.01
N ASP B 3 -52.56 -0.19 28.82
CA ASP B 3 -51.93 -0.80 29.99
C ASP B 3 -50.66 0.00 30.31
N ARG B 4 -50.82 1.08 31.09
CA ARG B 4 -49.87 2.20 31.06
C ARG B 4 -48.46 1.80 31.49
N ALA B 5 -48.32 0.88 32.45
CA ALA B 5 -46.97 0.42 32.82
C ALA B 5 -46.31 -0.36 31.68
N VAL B 6 -47.11 -1.00 30.80
CA VAL B 6 -46.55 -1.69 29.64
C VAL B 6 -46.02 -0.69 28.63
N LEU B 7 -46.70 0.45 28.48
CA LEU B 7 -46.19 1.48 27.59
C LEU B 7 -44.89 2.05 28.13
N LYS B 8 -44.79 2.20 29.46
CA LYS B 8 -43.57 2.66 30.11
C LYS B 8 -42.39 1.76 29.78
N GLU B 9 -42.66 0.47 29.74
CA GLU B 9 -41.67 -0.59 29.60
C GLU B 9 -41.03 -0.44 28.22
N LEU B 10 -41.91 -0.37 27.21
CA LEU B 10 -41.56 -0.19 25.81
C LEU B 10 -40.93 1.18 25.57
N SER B 11 -41.48 2.19 26.25
CA SER B 11 -40.88 3.50 26.27
C SER B 11 -39.44 3.44 26.75
N GLU B 12 -39.17 2.67 27.81
CA GLU B 12 -37.82 2.54 28.34
C GLU B 12 -36.88 1.86 27.35
N LYS B 13 -37.39 0.84 26.66
CA LYS B 13 -36.62 0.13 25.66
C LYS B 13 -36.29 1.05 24.48
N LEU B 14 -37.26 1.85 24.05
CA LEU B 14 -37.02 2.75 22.92
C LEU B 14 -35.99 3.77 23.30
N GLU B 15 -36.07 4.29 24.53
CA GLU B 15 -35.12 5.30 24.96
C GLU B 15 -33.70 4.73 24.99
N LEU B 16 -33.58 3.49 25.48
CA LEU B 16 -32.27 2.87 25.44
C LEU B 16 -31.79 2.65 23.99
N ALA B 17 -32.71 2.27 23.10
CA ALA B 17 -32.29 2.10 21.72
C ALA B 17 -31.80 3.43 21.16
N GLU B 18 -32.49 4.53 21.48
CA GLU B 18 -32.06 5.83 20.96
C GLU B 18 -30.74 6.28 21.58
N LYS B 19 -30.49 5.93 22.85
CA LYS B 19 -29.19 6.26 23.44
C LYS B 19 -28.08 5.44 22.81
N ALA B 20 -28.31 4.16 22.53
CA ALA B 20 -27.29 3.33 21.90
C ALA B 20 -27.06 3.81 20.47
N LEU B 21 -28.13 4.20 19.80
CA LEU B 21 -28.00 4.73 18.43
C LEU B 21 -27.14 5.99 18.41
N ALA B 22 -27.44 6.92 19.32
CA ALA B 22 -26.66 8.16 19.40
C ALA B 22 -25.21 7.84 19.73
N SER B 23 -24.99 6.89 20.65
CA SER B 23 -23.62 6.53 20.97
C SER B 23 -22.89 5.89 19.78
N LYS B 24 -23.56 5.09 18.95
CA LYS B 24 -22.87 4.60 17.75
C LYS B 24 -22.49 5.77 16.85
N GLN B 25 -23.38 6.76 16.74
CA GLN B 25 -23.05 7.89 15.88
C GLN B 25 -21.83 8.61 16.41
N LEU B 26 -21.74 8.77 17.73
CA LEU B 26 -20.61 9.45 18.33
C LEU B 26 -19.33 8.66 18.07
N GLN B 27 -19.44 7.33 18.11
CA GLN B 27 -18.27 6.53 17.76
C GLN B 27 -17.88 6.76 16.29
N MET B 28 -18.89 6.82 15.41
CA MET B 28 -18.62 7.09 13.98
C MET B 28 -17.96 8.44 13.80
N ASP B 29 -18.40 9.45 14.57
CA ASP B 29 -17.77 10.75 14.46
C ASP B 29 -16.29 10.67 14.78
N GLU B 30 -15.95 9.94 15.84
CA GLU B 30 -14.54 9.81 16.20
CA GLU B 30 -14.54 9.81 16.20
C GLU B 30 -13.77 9.07 15.13
N MET B 31 -14.39 8.04 14.53
CA MET B 31 -13.71 7.32 13.46
C MET B 31 -13.53 8.18 12.22
N LYS B 32 -14.50 9.03 11.90
CA LYS B 32 -14.29 9.89 10.74
C LYS B 32 -13.10 10.83 10.99
N GLN B 33 -12.96 11.31 12.23
CA GLN B 33 -11.82 12.16 12.58
CA GLN B 33 -11.82 12.17 12.57
C GLN B 33 -10.51 11.38 12.49
N THR B 34 -10.52 10.13 12.94
CA THR B 34 -9.34 9.28 12.80
C THR B 34 -8.96 9.10 11.35
N ILE B 35 -9.95 8.78 10.52
CA ILE B 35 -9.68 8.60 9.10
C ILE B 35 -9.08 9.86 8.51
N ALA B 36 -9.64 11.03 8.87
CA ALA B 36 -9.10 12.26 8.29
C ALA B 36 -7.66 12.51 8.73
N LYS B 37 -7.35 12.28 10.01
CA LYS B 37 -6.00 12.53 10.50
C LYS B 37 -5.00 11.55 9.88
N GLN B 38 -5.40 10.27 9.79
CA GLN B 38 -4.56 9.27 9.13
C GLN B 38 -4.32 9.56 7.67
N GLU B 39 -5.35 10.01 6.94
CA GLU B 39 -5.14 10.31 5.52
C GLU B 39 -4.11 11.42 5.37
N GLU B 40 -4.17 12.44 6.23
CA GLU B 40 -3.20 13.52 6.21
C GLU B 40 -1.80 13.03 6.60
N ASP B 41 -1.71 12.28 7.69
CA ASP B 41 -0.38 11.76 8.08
C ASP B 41 0.20 10.85 7.01
N LEU B 42 -0.65 10.04 6.36
CA LEU B 42 -0.11 9.15 5.33
C LEU B 42 0.40 9.92 4.09
N GLU B 43 -0.35 10.91 3.60
CA GLU B 43 0.17 11.70 2.47
CA GLU B 43 0.20 11.65 2.46
C GLU B 43 1.47 12.38 2.86
N THR B 44 1.51 12.97 4.07
CA THR B 44 2.73 13.64 4.52
C THR B 44 3.90 12.67 4.54
N MET B 45 3.71 11.48 5.15
CA MET B 45 4.77 10.50 5.20
CA MET B 45 4.78 10.52 5.21
C MET B 45 5.16 10.02 3.82
N THR B 46 4.20 9.91 2.92
CA THR B 46 4.52 9.45 1.59
C THR B 46 5.40 10.46 0.88
N ILE B 47 5.11 11.75 1.10
CA ILE B 47 5.94 12.77 0.44
C ILE B 47 7.32 12.78 1.07
N LEU B 48 7.39 12.63 2.40
CA LEU B 48 8.69 12.65 3.09
C LEU B 48 9.51 11.46 2.65
N ARG B 49 8.89 10.28 2.54
CA ARG B 49 9.65 9.15 2.00
C ARG B 49 10.15 9.46 0.58
N ALA B 50 9.30 10.05 -0.25
CA ALA B 50 9.71 10.40 -1.60
C ALA B 50 10.87 11.40 -1.56
N GLN B 51 10.82 12.34 -0.62
CA GLN B 51 11.92 13.31 -0.49
C GLN B 51 13.21 12.59 -0.14
N MET B 52 13.18 11.57 0.74
CA MET B 52 14.41 10.83 1.04
C MET B 52 14.89 10.06 -0.18
N GLU B 53 13.96 9.59 -1.00
CA GLU B 53 14.36 8.92 -2.22
CA GLU B 53 14.34 8.93 -2.23
C GLU B 53 15.03 9.90 -3.18
N VAL B 54 14.55 11.15 -3.25
CA VAL B 54 15.26 12.13 -4.08
C VAL B 54 16.66 12.37 -3.52
N TYR B 55 16.78 12.51 -2.20
CA TYR B 55 18.12 12.67 -1.63
C TYR B 55 18.99 11.49 -1.96
N SER B 56 18.44 10.27 -1.91
CA SER B 56 19.23 9.09 -2.26
C SER B 56 19.72 9.16 -3.70
N GLU B 57 18.81 9.49 -4.62
CA GLU B 57 19.22 9.64 -6.03
C GLU B 57 20.29 10.71 -6.18
N ASP B 58 20.08 11.86 -5.56
CA ASP B 58 21.04 12.95 -5.72
C ASP B 58 22.39 12.59 -5.06
N PHE B 59 22.34 11.89 -3.92
CA PHE B 59 23.57 11.46 -3.26
C PHE B 59 24.40 10.61 -4.20
N HIS B 60 23.77 9.65 -4.85
CA HIS B 60 24.49 8.77 -5.77
C HIS B 60 25.00 9.55 -6.97
N ALA B 61 24.20 10.52 -7.44
CA ALA B 61 24.63 11.38 -8.56
C ALA B 61 25.82 12.25 -8.16
N GLU B 62 25.82 12.77 -6.93
CA GLU B 62 26.98 13.56 -6.47
C GLU B 62 28.22 12.66 -6.37
N ARG B 63 28.03 11.44 -5.87
CA ARG B 63 29.18 10.52 -5.77
CA ARG B 63 29.16 10.51 -5.76
C ARG B 63 29.73 10.22 -7.15
N ALA B 64 28.86 9.99 -8.13
CA ALA B 64 29.33 9.74 -9.49
C ALA B 64 30.10 10.97 -10.03
N ALA B 65 29.57 12.17 -9.78
CA ALA B 65 30.23 13.38 -10.26
C ALA B 65 31.60 13.54 -9.61
N ARG B 66 31.65 13.27 -8.30
CA ARG B 66 32.89 13.42 -7.55
C ARG B 66 33.97 12.47 -8.08
N GLU B 67 33.58 11.23 -8.43
CA GLU B 67 34.56 10.30 -8.97
C GLU B 67 35.06 10.77 -10.34
N LYS B 68 34.15 11.27 -11.20
CA LYS B 68 34.55 11.80 -12.50
C LYS B 68 35.47 13.01 -12.35
N ILE B 69 35.13 13.94 -11.46
CA ILE B 69 35.96 15.13 -11.27
C ILE B 69 37.33 14.72 -10.73
N HIS B 70 37.39 13.71 -9.88
CA HIS B 70 38.67 13.23 -9.37
C HIS B 70 39.53 12.70 -10.51
N GLU B 71 38.91 11.94 -11.43
CA GLU B 71 39.64 11.46 -12.61
C GLU B 71 40.15 12.63 -13.43
N GLU B 72 39.31 13.65 -13.62
CA GLU B 72 39.69 14.78 -14.43
C GLU B 72 40.85 15.53 -13.80
N LYS B 73 40.83 15.64 -12.48
CA LYS B 73 41.91 16.31 -11.75
C LYS B 73 43.20 15.54 -11.89
N GLU B 74 43.14 14.20 -11.83
CA GLU B 74 44.37 13.44 -12.01
C GLU B 74 44.94 13.64 -13.40
N GLN B 75 44.08 13.66 -14.41
CA GLN B 75 44.51 13.90 -15.78
C GLN B 75 45.14 15.29 -15.93
N LEU B 76 44.52 16.33 -15.38
CA LEU B 76 45.15 17.66 -15.45
C LEU B 76 46.47 17.68 -14.72
N ALA B 77 46.53 17.00 -13.57
CA ALA B 77 47.76 17.04 -12.78
C ALA B 77 48.90 16.41 -13.58
N LEU B 78 48.57 15.36 -14.32
CA LEU B 78 49.57 14.68 -15.15
C LEU B 78 50.07 15.60 -16.25
N GLN B 79 49.16 16.28 -16.94
CA GLN B 79 49.57 17.23 -18.00
C GLN B 79 50.51 18.26 -17.42
N LEU B 80 50.16 18.80 -16.24
CA LEU B 80 51.01 19.79 -15.64
C LEU B 80 52.38 19.20 -15.33
N ALA B 81 52.39 17.96 -14.80
CA ALA B 81 53.66 17.32 -14.44
C ALA B 81 54.52 17.11 -15.68
N VAL B 82 53.89 16.72 -16.79
CA VAL B 82 54.64 16.56 -18.03
C VAL B 82 55.24 17.90 -18.44
N LEU B 83 54.48 18.98 -18.32
CA LEU B 83 55.01 20.27 -18.77
C LEU B 83 56.10 20.78 -17.85
N LEU B 84 55.97 20.55 -16.54
CA LEU B 84 56.94 21.12 -15.62
C LEU B 84 58.23 20.30 -15.56
N LYS B 85 58.27 19.13 -16.18
CA LYS B 85 59.44 18.23 -16.11
C LYS B 85 60.53 18.63 -17.11
N ARG C 2 -43.16 11.88 22.47
CA ARG C 2 -42.01 12.53 21.86
C ARG C 2 -42.45 13.89 21.33
N GLY C 3 -43.27 13.85 20.27
CA GLY C 3 -43.54 15.03 19.50
C GLY C 3 -42.36 15.29 18.58
N ARG C 4 -42.47 16.38 17.82
CA ARG C 4 -41.38 16.67 16.88
C ARG C 4 -40.11 17.03 17.64
N TRP C 5 -39.00 16.92 16.95
CA TRP C 5 -37.74 17.18 17.60
C TRP C 5 -36.79 17.82 16.60
N ALA C 6 -35.94 18.69 17.11
CA ALA C 6 -34.98 19.37 16.26
C ALA C 6 -33.65 18.61 16.21
N CYS C 7 -33.12 18.45 15.01
CA CYS C 7 -31.77 17.90 14.86
C CYS C 7 -30.77 18.89 15.44
N GLN C 8 -29.92 18.42 16.36
CA GLN C 8 -28.97 19.32 17.01
C GLN C 8 -27.78 19.67 16.12
N SER C 9 -27.66 19.05 14.94
CA SER C 9 -26.60 19.38 13.98
CA SER C 9 -26.59 19.37 13.98
C SER C 9 -27.07 20.30 12.85
N CYS C 10 -28.13 19.92 12.16
CA CYS C 10 -28.57 20.70 10.99
C CYS C 10 -29.73 21.64 11.30
N THR C 11 -30.33 21.51 12.47
CA THR C 11 -31.43 22.33 13.04
C THR C 11 -32.77 22.01 12.40
N PHE C 12 -32.85 21.00 11.53
CA PHE C 12 -34.15 20.69 10.95
C PHE C 12 -35.08 20.11 12.00
N GLU C 13 -36.34 20.54 11.98
CA GLU C 13 -37.35 19.96 12.87
C GLU C 13 -37.98 18.72 12.24
N ASN C 14 -37.77 17.58 12.91
CA ASN C 14 -38.17 16.26 12.43
C ASN C 14 -39.49 15.82 13.05
N GLU C 15 -40.18 14.92 12.35
CA GLU C 15 -41.44 14.37 12.85
C GLU C 15 -41.20 13.46 14.04
N ALA C 16 -42.23 13.34 14.90
CA ALA C 16 -42.15 12.50 16.08
C ALA C 16 -41.77 11.07 15.75
N ALA C 17 -42.18 10.55 14.58
CA ALA C 17 -41.95 9.15 14.24
C ALA C 17 -40.50 8.87 13.90
N ALA C 18 -39.71 9.91 13.60
CA ALA C 18 -38.33 9.73 13.11
C ALA C 18 -37.37 9.39 14.27
N VAL C 19 -36.42 8.48 14.01
CA VAL C 19 -35.31 8.28 14.94
C VAL C 19 -33.99 8.84 14.38
N LEU C 20 -33.90 9.03 13.07
CA LEU C 20 -32.73 9.64 12.44
C LEU C 20 -33.21 10.95 11.79
N CYS C 21 -32.34 11.95 11.77
CA CYS C 21 -32.74 13.18 11.09
C CYS C 21 -33.01 12.90 9.60
N SER C 22 -34.09 13.48 9.06
CA SER C 22 -34.41 13.25 7.65
CA SER C 22 -34.39 13.22 7.65
C SER C 22 -33.40 13.91 6.72
N ILE C 23 -32.69 14.92 7.19
CA ILE C 23 -31.73 15.60 6.33
C ILE C 23 -30.41 14.87 6.45
N CYS C 24 -29.84 14.83 7.66
CA CYS C 24 -28.44 14.44 7.84
C CYS C 24 -28.26 13.01 8.41
N GLU C 25 -29.37 12.35 8.75
CA GLU C 25 -29.39 10.97 9.25
C GLU C 25 -28.77 10.81 10.64
N ARG C 26 -28.56 11.88 11.35
CA ARG C 26 -28.00 11.70 12.70
C ARG C 26 -29.11 11.37 13.67
N PRO C 27 -28.82 10.54 14.67
CA PRO C 27 -29.83 10.21 15.66
C PRO C 27 -30.17 11.38 16.51
N ARG C 28 -31.41 11.37 17.02
CA ARG C 28 -31.92 12.47 17.82
C ARG C 28 -31.00 12.83 18.99
N LEU C 29 -30.43 11.84 19.69
CA LEU C 29 -29.67 12.21 20.86
C LEU C 29 -28.17 12.34 20.57
N ALA C 30 -27.79 12.44 19.30
CA ALA C 30 -26.36 12.59 18.95
C ALA C 30 -26.04 14.04 18.68
N ARG D 4 -48.12 -23.11 -22.67
CA ARG D 4 -48.15 -24.39 -21.98
C ARG D 4 -47.14 -24.42 -20.83
N ALA D 5 -46.97 -25.61 -20.26
CA ALA D 5 -45.99 -25.77 -19.18
C ALA D 5 -44.57 -25.56 -19.65
N VAL D 6 -44.29 -25.79 -20.93
CA VAL D 6 -42.90 -25.72 -21.36
C VAL D 6 -42.49 -24.24 -21.35
N LEU D 7 -43.45 -23.34 -21.58
CA LEU D 7 -43.18 -21.90 -21.58
C LEU D 7 -42.81 -21.41 -20.20
N LYS D 8 -43.56 -21.84 -19.18
CA LYS D 8 -43.24 -21.47 -17.83
C LYS D 8 -41.85 -21.97 -17.45
N GLU D 9 -41.56 -23.21 -17.82
CA GLU D 9 -40.28 -23.82 -17.47
C GLU D 9 -39.13 -23.05 -18.13
N LEU D 10 -39.29 -22.70 -19.42
CA LEU D 10 -38.28 -21.90 -20.11
C LEU D 10 -38.15 -20.54 -19.45
N SER D 11 -39.28 -19.91 -19.13
CA SER D 11 -39.22 -18.57 -18.54
C SER D 11 -38.51 -18.61 -17.20
N GLU D 12 -38.79 -19.62 -16.39
CA GLU D 12 -38.16 -19.69 -15.08
C GLU D 12 -36.64 -19.88 -15.21
N LYS D 13 -36.23 -20.72 -16.15
CA LYS D 13 -34.80 -20.96 -16.34
C LYS D 13 -34.16 -19.73 -16.94
N LEU D 14 -34.87 -19.01 -17.82
CA LEU D 14 -34.25 -17.79 -18.34
C LEU D 14 -34.07 -16.78 -17.21
N GLU D 15 -35.05 -16.67 -16.31
CA GLU D 15 -34.84 -15.77 -15.18
C GLU D 15 -33.62 -16.22 -14.33
N LEU D 16 -33.48 -17.53 -14.13
CA LEU D 16 -32.35 -18.05 -13.36
C LEU D 16 -31.04 -17.71 -14.06
N ALA D 17 -31.03 -17.83 -15.41
CA ALA D 17 -29.82 -17.46 -16.17
C ALA D 17 -29.52 -15.98 -16.04
N GLU D 18 -30.55 -15.12 -16.06
CA GLU D 18 -30.33 -13.68 -15.95
C GLU D 18 -29.80 -13.32 -14.56
N LYS D 19 -30.24 -14.03 -13.52
CA LYS D 19 -29.68 -13.79 -12.18
C LYS D 19 -28.26 -14.29 -12.11
N ALA D 20 -27.99 -15.42 -12.75
CA ALA D 20 -26.63 -15.94 -12.76
C ALA D 20 -25.70 -15.04 -13.54
N LEU D 21 -26.19 -14.39 -14.62
CA LEU D 21 -25.34 -13.40 -15.30
C LEU D 21 -24.95 -12.28 -14.34
N ALA D 22 -25.91 -11.78 -13.55
CA ALA D 22 -25.64 -10.71 -12.60
C ALA D 22 -24.69 -11.20 -11.50
N SER D 23 -24.95 -12.42 -11.01
CA SER D 23 -24.09 -12.96 -9.94
C SER D 23 -22.64 -13.10 -10.42
N LYS D 24 -22.45 -13.69 -11.62
CA LYS D 24 -21.08 -13.81 -12.14
C LYS D 24 -20.46 -12.44 -12.35
N GLN D 25 -21.26 -11.48 -12.81
CA GLN D 25 -20.67 -10.16 -13.03
C GLN D 25 -20.21 -9.54 -11.69
N LEU D 26 -20.98 -9.71 -10.65
CA LEU D 26 -20.55 -9.18 -9.35
C LEU D 26 -19.29 -9.89 -8.90
N GLN D 27 -19.19 -11.19 -9.16
CA GLN D 27 -17.96 -11.89 -8.78
C GLN D 27 -16.77 -11.41 -9.60
N MET D 28 -16.98 -11.22 -10.91
CA MET D 28 -15.95 -10.63 -11.76
CA MET D 28 -15.95 -10.63 -11.76
C MET D 28 -15.50 -9.28 -11.24
N ASP D 29 -16.46 -8.46 -10.80
CA ASP D 29 -16.09 -7.13 -10.32
C ASP D 29 -15.18 -7.26 -9.09
N GLU D 30 -15.53 -8.19 -8.20
CA GLU D 30 -14.68 -8.46 -7.04
C GLU D 30 -13.27 -8.88 -7.49
N MET D 31 -13.19 -9.74 -8.51
CA MET D 31 -11.87 -10.17 -8.99
C MET D 31 -11.08 -9.01 -9.57
N LYS D 32 -11.73 -8.07 -10.25
CA LYS D 32 -10.99 -6.92 -10.74
C LYS D 32 -10.44 -6.10 -9.60
N GLN D 33 -11.14 -6.04 -8.48
CA GLN D 33 -10.58 -5.26 -7.38
C GLN D 33 -9.38 -5.98 -6.80
N THR D 34 -9.46 -7.31 -6.68
CA THR D 34 -8.31 -8.09 -6.23
C THR D 34 -7.11 -7.87 -7.13
N ILE D 35 -7.33 -7.92 -8.45
CA ILE D 35 -6.24 -7.73 -9.39
C ILE D 35 -5.63 -6.34 -9.23
N ALA D 36 -6.46 -5.32 -9.10
CA ALA D 36 -5.92 -3.96 -8.95
C ALA D 36 -5.13 -3.83 -7.64
N LYS D 37 -5.63 -4.41 -6.56
CA LYS D 37 -4.93 -4.34 -5.29
C LYS D 37 -3.59 -5.08 -5.34
N GLN D 38 -3.58 -6.27 -5.96
CA GLN D 38 -2.32 -7.00 -6.12
C GLN D 38 -1.33 -6.28 -7.02
N GLU D 39 -1.80 -5.63 -8.10
CA GLU D 39 -0.87 -4.88 -8.95
CA GLU D 39 -0.81 -4.95 -8.92
C GLU D 39 -0.18 -3.77 -8.16
N GLU D 40 -0.92 -3.12 -7.22
CA GLU D 40 -0.30 -2.24 -6.20
C GLU D 40 0.74 -2.92 -5.34
N ASP D 41 0.38 -4.06 -4.74
CA ASP D 41 1.35 -4.74 -3.91
C ASP D 41 2.58 -5.03 -4.72
N LEU D 42 2.40 -5.33 -6.01
CA LEU D 42 3.58 -5.57 -6.83
C LEU D 42 4.39 -4.30 -6.98
N GLU D 43 3.74 -3.14 -6.86
CA GLU D 43 4.41 -1.84 -6.90
C GLU D 43 5.13 -1.51 -5.58
N THR D 44 4.46 -1.67 -4.43
CA THR D 44 5.22 -1.68 -3.18
C THR D 44 6.45 -2.59 -3.28
N MET D 45 6.29 -3.78 -3.87
CA MET D 45 7.38 -4.76 -3.92
C MET D 45 8.52 -4.30 -4.83
N THR D 46 8.18 -3.91 -6.05
CA THR D 46 9.17 -3.59 -7.07
C THR D 46 10.05 -2.41 -6.65
N ILE D 47 9.57 -1.60 -5.71
CA ILE D 47 10.41 -0.57 -5.15
C ILE D 47 11.16 -1.03 -3.94
N LEU D 48 10.51 -1.77 -3.01
CA LEU D 48 11.26 -2.45 -1.96
C LEU D 48 12.50 -3.08 -2.55
N ARG D 49 12.37 -3.74 -3.71
CA ARG D 49 13.51 -4.40 -4.33
C ARG D 49 14.60 -3.39 -4.74
N ALA D 50 14.21 -2.32 -5.42
CA ALA D 50 15.20 -1.34 -5.85
C ALA D 50 15.93 -0.72 -4.66
N GLN D 51 15.19 -0.37 -3.60
CA GLN D 51 15.73 0.25 -2.40
C GLN D 51 16.63 -0.74 -1.61
N MET D 52 16.16 -1.99 -1.46
CA MET D 52 17.03 -3.04 -0.90
CA MET D 52 17.04 -3.02 -0.89
C MET D 52 18.36 -3.09 -1.65
N GLU D 53 18.31 -3.00 -2.98
CA GLU D 53 19.56 -3.06 -3.75
C GLU D 53 20.44 -1.84 -3.48
N VAL D 54 19.84 -0.68 -3.24
CA VAL D 54 20.66 0.48 -2.92
C VAL D 54 21.30 0.34 -1.56
N TYR D 55 20.57 -0.23 -0.58
CA TYR D 55 21.20 -0.44 0.73
C TYR D 55 22.39 -1.37 0.58
N SER D 56 22.23 -2.40 -0.27
CA SER D 56 23.31 -3.36 -0.50
C SER D 56 24.51 -2.69 -1.13
N GLU D 57 24.29 -1.92 -2.21
CA GLU D 57 25.36 -1.16 -2.84
C GLU D 57 26.06 -0.22 -1.86
N ASP D 58 25.27 0.51 -1.08
CA ASP D 58 25.86 1.48 -0.16
C ASP D 58 26.58 0.78 0.97
N PHE D 59 26.07 -0.36 1.42
CA PHE D 59 26.81 -1.13 2.41
C PHE D 59 28.21 -1.47 1.86
N HIS D 60 28.28 -1.91 0.60
CA HIS D 60 29.61 -2.26 0.04
C HIS D 60 30.53 -1.06 -0.05
N ALA D 61 30.01 0.10 -0.45
CA ALA D 61 30.89 1.26 -0.52
C ALA D 61 31.42 1.60 0.87
N GLU D 62 30.58 1.49 1.90
CA GLU D 62 31.02 1.79 3.25
C GLU D 62 32.04 0.75 3.73
N ARG D 63 31.79 -0.53 3.46
CA ARG D 63 32.69 -1.57 3.94
C ARG D 63 34.03 -1.52 3.21
N ALA D 64 34.00 -1.29 1.90
CA ALA D 64 35.24 -1.09 1.15
C ALA D 64 36.08 0.03 1.75
N ALA D 65 35.41 1.13 2.14
CA ALA D 65 36.15 2.22 2.79
C ALA D 65 36.71 1.77 4.13
N ARG D 66 35.89 1.03 4.88
CA ARG D 66 36.31 0.55 6.20
C ARG D 66 37.49 -0.42 6.12
N GLU D 67 37.45 -1.37 5.18
CA GLU D 67 38.60 -2.25 4.98
C GLU D 67 39.87 -1.46 4.70
N LYS D 68 39.79 -0.47 3.80
CA LYS D 68 40.97 0.31 3.46
C LYS D 68 41.50 1.04 4.68
N ILE D 69 40.62 1.67 5.45
CA ILE D 69 41.05 2.43 6.62
C ILE D 69 41.60 1.47 7.67
N HIS D 70 41.01 0.28 7.77
CA HIS D 70 41.51 -0.70 8.70
C HIS D 70 42.96 -1.08 8.39
N GLU D 71 43.30 -1.26 7.12
CA GLU D 71 44.68 -1.57 6.77
C GLU D 71 45.62 -0.43 7.15
N GLU D 72 45.21 0.81 6.90
CA GLU D 72 46.04 1.96 7.24
C GLU D 72 46.23 2.04 8.74
N LYS D 73 45.15 1.79 9.47
CA LYS D 73 45.20 1.83 10.93
C LYS D 73 46.12 0.78 11.51
N GLU D 74 46.06 -0.44 10.98
CA GLU D 74 46.92 -1.49 11.50
C GLU D 74 48.38 -1.18 11.22
N GLN D 75 48.68 -0.58 10.08
CA GLN D 75 50.07 -0.18 9.80
CA GLN D 75 50.07 -0.19 9.79
C GLN D 75 50.54 0.90 10.75
N LEU D 76 49.67 1.88 11.04
CA LEU D 76 50.05 2.94 12.00
C LEU D 76 50.28 2.34 13.38
N ALA D 77 49.41 1.42 13.80
CA ALA D 77 49.56 0.83 15.11
C ALA D 77 50.89 0.07 15.22
N LEU D 78 51.26 -0.63 14.16
CA LEU D 78 52.52 -1.37 14.15
C LEU D 78 53.70 -0.41 14.18
N GLN D 79 53.63 0.69 13.40
CA GLN D 79 54.71 1.70 13.49
C GLN D 79 54.84 2.27 14.91
N LEU D 80 53.72 2.57 15.57
CA LEU D 80 53.79 3.01 16.97
C LEU D 80 54.40 1.93 17.87
N ALA D 81 54.00 0.67 17.69
CA ALA D 81 54.53 -0.38 18.54
C ALA D 81 56.03 -0.49 18.40
N VAL D 82 56.55 -0.29 17.18
CA VAL D 82 58.00 -0.32 16.98
C VAL D 82 58.68 0.80 17.77
N LEU D 83 58.13 2.01 17.70
CA LEU D 83 58.71 3.14 18.41
C LEU D 83 58.58 2.96 19.91
N LEU D 84 57.50 2.31 20.37
CA LEU D 84 57.28 2.13 21.80
C LEU D 84 58.14 1.01 22.39
N LYS D 85 58.74 0.16 21.55
CA LYS D 85 59.77 -0.77 22.01
C LYS D 85 61.12 -0.07 22.04
N GLU D 86 61.59 0.36 20.86
CA GLU D 86 62.93 0.91 20.61
C GLU D 86 63.31 2.11 21.48
N GLY E 1 -49.57 -24.50 -37.62
CA GLY E 1 -49.85 -25.46 -36.55
C GLY E 1 -49.91 -24.83 -35.17
N PRO E 2 -49.86 -25.66 -34.08
CA PRO E 2 -49.71 -25.10 -32.73
C PRO E 2 -48.51 -24.15 -32.72
N ASP E 3 -48.70 -22.86 -32.48
CA ASP E 3 -47.62 -21.94 -32.82
C ASP E 3 -46.39 -22.11 -31.96
N ARG E 4 -45.30 -21.67 -32.56
CA ARG E 4 -44.00 -21.96 -32.07
C ARG E 4 -43.10 -20.76 -32.05
N ALA E 5 -43.51 -19.64 -32.65
CA ALA E 5 -42.56 -18.53 -32.73
C ALA E 5 -42.18 -18.00 -31.35
N VAL E 6 -43.09 -18.04 -30.38
CA VAL E 6 -42.75 -17.56 -29.03
C VAL E 6 -41.82 -18.55 -28.31
N LEU E 7 -42.10 -19.85 -28.51
CA LEU E 7 -41.28 -20.90 -27.92
C LEU E 7 -39.91 -20.93 -28.51
N LYS E 8 -39.86 -20.84 -29.84
CA LYS E 8 -38.58 -20.79 -30.52
C LYS E 8 -37.76 -19.61 -30.02
N GLU E 9 -38.38 -18.43 -29.92
CA GLU E 9 -37.65 -17.25 -29.48
C GLU E 9 -37.17 -17.39 -28.03
N LEU E 10 -38.06 -17.86 -27.14
CA LEU E 10 -37.71 -17.97 -25.74
C LEU E 10 -36.60 -19.02 -25.53
N SER E 11 -36.76 -20.18 -26.17
CA SER E 11 -35.73 -21.20 -26.15
CA SER E 11 -35.73 -21.21 -26.17
C SER E 11 -34.40 -20.64 -26.67
N GLU E 12 -34.46 -19.84 -27.75
CA GLU E 12 -33.23 -19.29 -28.31
C GLU E 12 -32.59 -18.30 -27.35
N LYS E 13 -33.42 -17.47 -26.68
CA LYS E 13 -32.88 -16.47 -25.78
C LYS E 13 -32.28 -17.15 -24.55
N LEU E 14 -32.93 -18.22 -24.06
CA LEU E 14 -32.33 -18.92 -22.91
C LEU E 14 -31.01 -19.52 -23.31
N GLU E 15 -30.94 -20.10 -24.52
CA GLU E 15 -29.67 -20.65 -24.97
C GLU E 15 -28.61 -19.56 -25.08
N LEU E 16 -29.01 -18.40 -25.61
CA LEU E 16 -28.04 -17.31 -25.71
C LEU E 16 -27.61 -16.84 -24.30
N ALA E 17 -28.55 -16.79 -23.36
CA ALA E 17 -28.17 -16.40 -22.01
C ALA E 17 -27.15 -17.40 -21.45
N GLU E 18 -27.34 -18.70 -21.73
CA GLU E 18 -26.41 -19.71 -21.22
C GLU E 18 -25.06 -19.59 -21.90
N LYS E 19 -25.06 -19.21 -23.19
CA LYS E 19 -23.80 -18.93 -23.86
C LYS E 19 -23.12 -17.72 -23.29
N ALA E 20 -23.87 -16.63 -23.01
CA ALA E 20 -23.20 -15.47 -22.42
C ALA E 20 -22.69 -15.81 -21.02
N LEU E 21 -23.48 -16.56 -20.27
CA LEU E 21 -23.04 -16.96 -18.92
C LEU E 21 -21.74 -17.76 -19.00
N ALA E 22 -21.67 -18.73 -19.91
CA ALA E 22 -20.46 -19.52 -20.05
C ALA E 22 -19.31 -18.63 -20.48
N SER E 23 -19.57 -17.65 -21.40
CA SER E 23 -18.47 -16.78 -21.80
C SER E 23 -17.99 -15.90 -20.66
N LYS E 24 -18.88 -15.45 -19.77
CA LYS E 24 -18.41 -14.75 -18.58
C LYS E 24 -17.52 -15.63 -17.71
N GLN E 25 -17.90 -16.91 -17.56
CA GLN E 25 -17.05 -17.80 -16.79
C GLN E 25 -15.65 -17.89 -17.42
N LEU E 26 -15.57 -17.93 -18.74
CA LEU E 26 -14.26 -18.04 -19.37
C LEU E 26 -13.44 -16.77 -19.13
N GLN E 27 -14.13 -15.62 -19.12
CA GLN E 27 -13.47 -14.38 -18.70
C GLN E 27 -13.01 -14.49 -17.25
N MET E 28 -13.82 -15.07 -16.36
CA MET E 28 -13.43 -15.28 -14.96
CA MET E 28 -13.39 -15.25 -14.96
C MET E 28 -12.23 -16.21 -14.86
N ASP E 29 -12.19 -17.23 -15.72
CA ASP E 29 -11.07 -18.19 -15.67
C ASP E 29 -9.77 -17.49 -15.95
N GLU E 30 -9.78 -16.55 -16.93
CA GLU E 30 -8.55 -15.82 -17.25
CA GLU E 30 -8.56 -15.81 -17.25
C GLU E 30 -8.16 -14.90 -16.10
N MET E 31 -9.12 -14.23 -15.47
CA MET E 31 -8.76 -13.42 -14.31
C MET E 31 -8.26 -14.25 -13.14
N LYS E 32 -8.81 -15.44 -12.94
CA LYS E 32 -8.30 -16.28 -11.85
C LYS E 32 -6.84 -16.63 -12.11
N GLN E 33 -6.49 -16.88 -13.37
CA GLN E 33 -5.09 -17.20 -13.68
C GLN E 33 -4.20 -15.98 -13.39
N THR E 34 -4.67 -14.78 -13.73
CA THR E 34 -3.93 -13.55 -13.43
C THR E 34 -3.73 -13.42 -11.93
N ILE E 35 -4.80 -13.62 -11.15
CA ILE E 35 -4.69 -13.52 -9.70
C ILE E 35 -3.69 -14.54 -9.16
N ALA E 36 -3.75 -15.79 -9.64
CA ALA E 36 -2.83 -16.81 -9.11
C ALA E 36 -1.36 -16.48 -9.44
N LYS E 37 -1.08 -16.00 -10.66
CA LYS E 37 0.29 -15.63 -11.00
C LYS E 37 0.75 -14.43 -10.15
N GLN E 38 -0.11 -13.42 -9.95
CA GLN E 38 0.26 -12.32 -9.08
C GLN E 38 0.51 -12.80 -7.65
N GLU E 39 -0.32 -13.74 -7.16
CA GLU E 39 -0.17 -14.25 -5.81
C GLU E 39 1.19 -14.89 -5.61
N GLU E 40 1.62 -15.57 -6.66
CA GLU E 40 2.88 -16.28 -6.59
C GLU E 40 4.02 -15.29 -6.44
N ASP E 41 4.00 -14.21 -7.24
CA ASP E 41 5.01 -13.18 -7.15
C ASP E 41 5.01 -12.49 -5.79
N LEU E 42 3.82 -12.24 -5.25
CA LEU E 42 3.73 -11.60 -3.94
C LEU E 42 4.28 -12.48 -2.82
N GLU E 43 4.44 -13.79 -3.05
CA GLU E 43 4.92 -14.66 -1.99
C GLU E 43 6.36 -14.33 -1.59
N THR E 44 7.16 -13.78 -2.51
CA THR E 44 8.52 -13.39 -2.15
CA THR E 44 8.51 -13.30 -2.28
C THR E 44 8.56 -12.07 -1.38
N MET E 45 7.41 -11.46 -1.10
CA MET E 45 7.39 -10.28 -0.25
C MET E 45 8.02 -10.52 1.13
N THR E 46 7.83 -11.71 1.73
CA THR E 46 8.33 -11.93 3.08
C THR E 46 9.86 -11.90 3.10
N ILE E 47 10.49 -12.57 2.13
CA ILE E 47 11.96 -12.58 2.12
C ILE E 47 12.49 -11.22 1.69
N LEU E 48 11.74 -10.51 0.82
CA LEU E 48 12.17 -9.17 0.43
C LEU E 48 12.13 -8.22 1.60
N ARG E 49 11.07 -8.28 2.41
CA ARG E 49 11.02 -7.45 3.60
C ARG E 49 12.17 -7.78 4.56
N ALA E 50 12.43 -9.07 4.79
CA ALA E 50 13.52 -9.48 5.67
C ALA E 50 14.84 -8.98 5.12
N GLN E 51 15.04 -9.15 3.82
CA GLN E 51 16.31 -8.77 3.23
C GLN E 51 16.47 -7.25 3.23
N MET E 52 15.40 -6.51 2.97
CA MET E 52 15.52 -5.07 3.03
C MET E 52 15.87 -4.59 4.43
N GLU E 53 15.27 -5.20 5.46
CA GLU E 53 15.55 -4.82 6.84
C GLU E 53 17.00 -5.14 7.21
N VAL E 54 17.49 -6.31 6.83
CA VAL E 54 18.86 -6.68 7.23
C VAL E 54 19.84 -5.76 6.53
N TYR E 55 19.62 -5.52 5.21
CA TYR E 55 20.57 -4.67 4.50
C TYR E 55 20.51 -3.24 4.97
N SER E 56 19.32 -2.76 5.34
CA SER E 56 19.24 -1.42 5.92
C SER E 56 20.03 -1.33 7.22
N GLU E 57 19.86 -2.33 8.10
CA GLU E 57 20.64 -2.35 9.35
C GLU E 57 22.13 -2.44 9.05
N ASP E 58 22.49 -3.33 8.12
CA ASP E 58 23.91 -3.51 7.80
C ASP E 58 24.52 -2.21 7.26
N PHE E 59 23.80 -1.53 6.36
CA PHE E 59 24.30 -0.27 5.81
C PHE E 59 24.46 0.78 6.89
N HIS E 60 23.42 0.96 7.73
CA HIS E 60 23.50 2.00 8.76
C HIS E 60 24.62 1.71 9.74
N ALA E 61 24.78 0.44 10.12
CA ALA E 61 25.86 0.10 11.06
C ALA E 61 27.25 0.27 10.42
N GLU E 62 27.39 -0.10 9.15
CA GLU E 62 28.68 -0.01 8.46
C GLU E 62 29.08 1.43 8.29
N ARG E 63 28.13 2.28 7.96
CA ARG E 63 28.38 3.71 7.87
C ARG E 63 28.91 4.28 9.19
N ALA E 64 28.27 3.92 10.32
CA ALA E 64 28.76 4.42 11.59
C ALA E 64 30.13 3.85 11.91
N ALA E 65 30.34 2.55 11.64
CA ALA E 65 31.63 1.93 11.90
C ALA E 65 32.73 2.56 11.04
N ARG E 66 32.40 2.89 9.77
CA ARG E 66 33.39 3.52 8.91
C ARG E 66 33.80 4.88 9.45
N GLU E 67 32.83 5.68 9.94
CA GLU E 67 33.16 7.00 10.47
CA GLU E 67 33.18 6.99 10.46
C GLU E 67 34.03 6.87 11.70
N LYS E 68 33.74 5.91 12.57
CA LYS E 68 34.53 5.75 13.79
C LYS E 68 35.94 5.31 13.48
N ILE E 69 36.10 4.33 12.61
CA ILE E 69 37.44 3.82 12.34
C ILE E 69 38.28 4.87 11.65
N HIS E 70 37.64 5.73 10.82
CA HIS E 70 38.41 6.81 10.24
C HIS E 70 38.96 7.73 11.34
N GLU E 71 38.11 8.07 12.33
CA GLU E 71 38.56 8.94 13.41
C GLU E 71 39.66 8.26 14.21
N GLU E 72 39.52 6.96 14.46
CA GLU E 72 40.56 6.25 15.22
C GLU E 72 41.88 6.26 14.45
N LYS E 73 41.79 6.03 13.14
CA LYS E 73 43.00 6.03 12.30
C LYS E 73 43.66 7.41 12.31
N GLU E 74 42.89 8.49 12.16
CA GLU E 74 43.52 9.80 12.17
CA GLU E 74 43.52 9.81 12.18
C GLU E 74 44.18 10.07 13.52
N GLN E 75 43.58 9.58 14.60
CA GLN E 75 44.16 9.78 15.93
C GLN E 75 45.49 9.03 16.08
N LEU E 76 45.57 7.81 15.55
CA LEU E 76 46.86 7.11 15.61
C LEU E 76 47.88 7.81 14.75
N ALA E 77 47.47 8.31 13.57
CA ALA E 77 48.43 9.04 12.75
C ALA E 77 48.98 10.25 13.50
N LEU E 78 48.12 10.91 14.27
CA LEU E 78 48.57 12.08 15.03
C LEU E 78 49.55 11.69 16.11
N GLN E 79 49.28 10.60 16.85
CA GLN E 79 50.24 10.18 17.87
C GLN E 79 51.58 9.86 17.24
N LEU E 80 51.55 9.19 16.08
CA LEU E 80 52.79 8.86 15.38
C LEU E 80 53.54 10.10 14.94
N ALA E 81 52.81 11.07 14.37
CA ALA E 81 53.45 12.30 13.90
C ALA E 81 54.13 13.05 15.05
N VAL E 82 53.50 13.04 16.22
CA VAL E 82 54.13 13.66 17.37
C VAL E 82 55.42 12.94 17.73
N LEU E 83 55.40 11.60 17.74
CA LEU E 83 56.63 10.89 18.03
C LEU E 83 57.70 11.12 16.95
N LEU E 84 57.31 11.16 15.69
CA LEU E 84 58.33 11.31 14.65
C LEU E 84 58.85 12.74 14.55
N LYS E 85 58.20 13.71 15.16
CA LYS E 85 58.64 15.08 14.93
C LYS E 85 59.88 15.42 15.74
N GLU E 86 60.05 14.84 16.92
CA GLU E 86 61.30 14.90 17.66
C GLU E 86 62.13 13.60 17.56
N ARG F 2 -34.21 -29.95 -22.66
CA ARG F 2 -32.95 -29.92 -21.94
C ARG F 2 -32.64 -31.25 -21.28
N GLY F 3 -33.33 -31.53 -20.19
CA GLY F 3 -32.99 -32.67 -19.37
C GLY F 3 -31.72 -32.38 -18.56
N ARG F 4 -31.31 -33.38 -17.81
CA ARG F 4 -30.15 -33.24 -16.95
C ARG F 4 -28.89 -33.10 -17.78
N TRP F 5 -27.85 -32.56 -17.12
CA TRP F 5 -26.62 -32.32 -17.85
C TRP F 5 -25.44 -32.54 -16.93
N ALA F 6 -24.35 -33.03 -17.51
CA ALA F 6 -23.13 -33.30 -16.74
C ALA F 6 -22.27 -32.05 -16.72
N CYS F 7 -21.78 -31.69 -15.52
CA CYS F 7 -20.78 -30.61 -15.45
C CYS F 7 -19.48 -31.11 -16.10
N GLN F 8 -19.01 -30.40 -17.13
CA GLN F 8 -17.82 -30.85 -17.85
C GLN F 8 -16.54 -30.65 -17.06
N SER F 9 -16.61 -29.96 -15.93
CA SER F 9 -15.44 -29.79 -15.10
CA SER F 9 -15.44 -29.76 -15.08
CA SER F 9 -15.44 -29.77 -15.09
C SER F 9 -15.38 -30.78 -13.95
N CYS F 10 -16.42 -30.85 -13.13
CA CYS F 10 -16.32 -31.75 -11.96
C CYS F 10 -17.05 -33.08 -12.14
N THR F 11 -17.84 -33.23 -13.20
CA THR F 11 -18.61 -34.41 -13.61
C THR F 11 -19.90 -34.62 -12.82
N PHE F 12 -20.28 -33.72 -11.95
CA PHE F 12 -21.56 -33.85 -11.26
C PHE F 12 -22.72 -33.72 -12.24
N GLU F 13 -23.68 -34.63 -12.15
CA GLU F 13 -24.86 -34.57 -13.02
CA GLU F 13 -24.87 -34.57 -13.01
C GLU F 13 -25.87 -33.63 -12.37
N ASN F 14 -26.20 -32.56 -13.09
CA ASN F 14 -27.08 -31.50 -12.63
C ASN F 14 -28.49 -31.64 -13.16
N GLU F 15 -29.43 -31.05 -12.42
CA GLU F 15 -30.84 -31.09 -12.82
C GLU F 15 -31.09 -30.17 -14.02
N ALA F 16 -32.11 -30.50 -14.83
CA ALA F 16 -32.42 -29.70 -16.01
C ALA F 16 -32.70 -28.23 -15.67
N ALA F 17 -33.21 -27.97 -14.47
CA ALA F 17 -33.57 -26.62 -14.10
C ALA F 17 -32.36 -25.76 -13.80
N ALA F 18 -31.21 -26.37 -13.53
CA ALA F 18 -30.03 -25.61 -13.11
C ALA F 18 -29.32 -24.99 -14.30
N VAL F 19 -28.81 -23.77 -14.14
CA VAL F 19 -27.90 -23.19 -15.13
C VAL F 19 -26.45 -23.20 -14.66
N LEU F 20 -26.20 -23.38 -13.36
CA LEU F 20 -24.85 -23.41 -12.79
C LEU F 20 -24.70 -24.76 -12.11
N CYS F 21 -23.51 -25.32 -12.15
CA CYS F 21 -23.29 -26.60 -11.48
C CYS F 21 -23.47 -26.44 -9.96
N SER F 22 -24.20 -27.39 -9.32
CA SER F 22 -24.43 -27.30 -7.88
CA SER F 22 -24.41 -27.21 -7.90
C SER F 22 -23.14 -27.43 -7.08
N ILE F 23 -22.14 -28.07 -7.64
CA ILE F 23 -20.91 -28.28 -6.87
C ILE F 23 -19.95 -27.10 -7.05
N CYS F 24 -19.59 -26.83 -8.30
CA CYS F 24 -18.52 -25.87 -8.65
C CYS F 24 -19.00 -24.52 -9.15
N GLU F 25 -20.30 -24.42 -9.42
CA GLU F 25 -20.94 -23.20 -9.91
C GLU F 25 -20.59 -22.86 -11.33
N ARG F 26 -19.96 -23.80 -12.08
CA ARG F 26 -19.64 -23.37 -13.45
C ARG F 26 -20.89 -23.51 -14.35
N PRO F 27 -21.05 -22.61 -15.32
CA PRO F 27 -22.18 -22.74 -16.23
C PRO F 27 -22.07 -23.96 -17.08
N ARG F 28 -23.24 -24.45 -17.51
CA ARG F 28 -23.31 -25.68 -18.30
C ARG F 28 -22.38 -25.67 -19.51
N LEU F 29 -22.28 -24.52 -20.22
CA LEU F 29 -21.52 -24.48 -21.46
C LEU F 29 -20.09 -23.94 -21.30
N ALA F 30 -19.58 -23.90 -20.08
CA ALA F 30 -18.22 -23.39 -19.80
C ALA F 30 -17.24 -24.54 -19.64
C1 PGE G . 6.76 -3.39 4.62
O1 PGE G . 7.95 -2.64 4.37
C2 PGE G . 6.03 -3.67 3.31
O2 PGE G . 4.66 -4.04 3.52
C3 PGE G . 4.44 -4.84 4.66
C4 PGE G . 2.98 -4.83 5.05
O3 PGE G . 2.86 -5.15 6.42
C1 PGE H . 19.71 17.40 -8.60
C2 PGE H . 21.15 17.85 -8.61
O2 PGE H . 21.90 17.03 -7.72
C3 PGE H . 22.58 15.96 -8.34
C4 PGE H . 23.40 16.49 -9.52
O4 PGE H . 26.66 18.41 -10.86
C6 PGE H . 26.69 17.11 -10.28
C5 PGE H . 25.65 17.06 -9.20
O3 PGE H . 24.73 16.02 -9.46
O1 PG4 I . -27.88 8.29 31.15
C1 PG4 I . -27.37 7.00 30.95
C2 PG4 I . -25.94 7.08 30.37
O2 PG4 I . -25.95 6.67 29.03
C3 PG4 I . -24.92 7.25 28.25
C4 PG4 I . -25.18 7.05 26.76
O3 PG4 I . -25.95 8.09 26.21
C5 PG4 I . -25.44 8.71 25.07
C6 PG4 I . -26.56 9.48 24.36
O4 PG4 I . -27.03 10.52 25.15
C7 PG4 I . -28.38 10.44 25.56
C8 PG4 I . -28.64 11.57 26.56
O5 PG4 I . -29.84 11.31 27.23
C1 PGE J . -17.76 3.73 26.17
O1 PGE J . -17.45 2.53 25.46
C2 PGE J . -18.35 4.80 25.25
O2 PGE J . -19.75 4.95 25.50
C3 PGE J . -20.36 6.12 24.97
C4 PGE J . -20.16 6.14 23.45
O4 PGE J . -16.44 7.81 21.69
C6 PGE J . -17.65 8.33 22.23
C5 PGE J . -18.76 7.33 21.98
O3 PGE J . -19.76 7.41 22.98
O2 PGE K . -32.98 -2.59 25.43
C3 PGE K . -32.40 -1.61 24.57
C4 PGE K . -33.18 -1.41 23.28
C6 PGE K . -33.67 -4.07 20.87
C5 PGE K . -33.77 -2.61 21.31
O3 PGE K . -32.76 -2.27 22.23
ZN ZN L . -30.02 16.85 10.77
C1 PGE M . -44.47 8.25 16.73
C2 PGE M . -44.23 9.17 17.89
O2 PGE M . -44.23 8.39 19.05
C3 PGE M . -43.20 8.76 19.92
C4 PGE M . -42.90 7.56 20.80
O4 PGE M . -38.70 9.32 21.61
C6 PGE M . -39.76 8.72 22.31
C5 PGE M . -40.80 8.45 21.25
O3 PGE M . -42.01 8.00 21.81
O1 PG4 N . -16.47 -5.44 -16.11
C1 PG4 N . -16.78 -4.09 -15.90
C2 PG4 N . -15.69 -3.21 -16.53
O2 PG4 N . -14.42 -3.48 -15.97
C3 PG4 N . -13.28 -2.72 -16.40
C4 PG4 N . -11.94 -3.44 -16.11
O3 PG4 N . -11.59 -4.45 -17.07
C5 PG4 N . -10.60 -5.42 -16.73
C6 PG4 N . -10.68 -6.79 -17.46
O4 PG4 N . -11.97 -7.19 -17.94
C7 PG4 N . -12.32 -8.57 -17.97
C8 PG4 N . -13.69 -8.82 -18.67
O5 PG4 N . -14.86 -8.38 -17.98
C1 PGE O . 38.32 -5.64 8.14
O1 PGE O . 39.38 -5.32 7.27
C2 PGE O . 37.18 -4.66 7.93
O2 PGE O . 36.14 -4.96 8.82
C3 PGE O . 35.48 -6.18 8.55
C4 PGE O . 34.22 -6.22 9.39
O3 PGE O . 34.46 -7.04 10.53
C1 PGE P . -31.18 -13.08 -21.84
O1 PGE P . -31.86 -11.92 -21.44
C2 PGE P . -29.97 -12.76 -22.68
O2 PGE P . -30.39 -12.39 -24.00
C3 PGE P . -29.77 -13.16 -25.01
C4 PGE P . -29.90 -12.45 -26.33
O4 PGE P . -33.52 -10.46 -27.07
C6 PGE P . -32.91 -11.32 -28.02
C5 PGE P . -31.42 -11.36 -27.74
O3 PGE P . -31.22 -11.99 -26.47
C1 PGE Q . -7.69 -17.38 -7.11
O1 PGE Q . -6.65 -17.64 -8.03
C2 PGE Q . -8.82 -16.69 -7.84
O2 PGE Q . -9.85 -16.29 -6.95
C3 PGE Q . -11.12 -16.06 -7.55
C4 PGE Q . -11.73 -17.37 -8.03
C1 PGE R . -21.10 -23.34 -27.02
O1 PGE R . -22.51 -23.51 -26.97
C2 PGE R . -20.58 -22.92 -25.65
O2 PGE R . -20.20 -21.56 -25.64
C3 PGE R . -18.97 -21.31 -24.99
C4 PGE R . -18.67 -19.83 -25.12
O4 PGE R . -21.64 -19.38 -27.75
C6 PGE R . -20.62 -18.41 -27.94
C5 PGE R . -19.39 -18.83 -27.15
O3 PGE R . -19.74 -19.26 -25.84
ZN ZN S . -19.24 -28.85 -11.48
C2 PGE T . -31.57 -25.53 -21.53
O2 PGE T . -32.83 -26.03 -21.95
C3 PGE T . -33.86 -25.45 -21.17
C4 PGE T . -35.17 -26.20 -21.25
O4 PGE T . -36.52 -26.81 -16.67
C6 PGE T . -35.79 -27.31 -17.78
C5 PGE T . -35.72 -26.30 -18.91
O3 PGE T . -35.30 -26.97 -20.07
#